data_8TJ9
#
_entry.id   8TJ9
#
_cell.length_a   100.591
_cell.length_b   100.591
_cell.length_c   394.890
_cell.angle_alpha   90.00
_cell.angle_beta   90.00
_cell.angle_gamma   120.00
#
_symmetry.space_group_name_H-M   'H 3 2'
#
loop_
_entity.id
_entity.type
_entity.pdbx_description
1 polymer 'Hemagglutinin HA1 chain'
2 polymer 'Hemagglutinin HA2 chain'
3 branched beta-D-mannopyranose-(1-4)-2-acetamido-2-deoxy-beta-D-glucopyranose-(1-4)-2-acetamido-2-deoxy-beta-D-glucopyranose
4 branched 'N-acetyl-alpha-neuraminic acid-(2-6)-beta-D-galactopyranose-(1-4)-2-acetamido-2-deoxy-beta-D-glucopyranose-(1-3)-beta-D-galactopyranose-(1-4)-2-acetamido-2-deoxy-beta-D-glucopyranose'
5 non-polymer 2-acetamido-2-deoxy-beta-D-glucopyranose
6 non-polymer DI(HYDROXYETHYL)ETHER
7 non-polymer 'SULFATE ION'
8 non-polymer 1,2-ETHANEDIOL
9 non-polymer 'TETRAETHYLENE GLYCOL'
10 non-polymer 'TRIETHYLENE GLYCOL'
11 water water
#
loop_
_entity_poly.entity_id
_entity_poly.type
_entity_poly.pdbx_seq_one_letter_code
_entity_poly.pdbx_strand_id
1 'polypeptide(L)'
;ADPGATLCLGHHAVPNGTIVKTITNDRIEVTNATELVQNSSIGEICDSPHQILDGENCTLIDALLGDPQCDGFQNKKWDL
FVERSKAYSNCYPYDVPDYASLRSLVASSGTLEFNNESFNWTGVTQNGTSSACIRRSSSSFFSRLNWLTHLNYKYPALNV
TMPNNEQFDKLYIWGVHHPGTDKDQIFLYAQSSGRITVSTKRSQQAVIPNIGSRPKIRDIPSRISIYWTIVKPGDILLIN
STGNLIAPRGYFKIRSGKSSIMRSDAPIGKCKSECITPNGSIPNDKPFQNVNRITYGACPRYVKHSTLKLATGMRNVPEK
QTR
;
A
2 'polypeptide(L)'
;GIFGAIAGFIENGWEGMVDGWYGFRHQNSEGRGQAADLKSTQAAIDQINGKLNRLIGKTNEKFHQIEKEFSEVEGRIQDL
EKYVEDTKIDLWSYNAELLVALENQHTIDLTDSEMNKLFEKTKKQLRENAEDMGNGCFKIYHKCDNACIGSIRNGTYDHN
VYRDEALNNRFQIK
;
B
#
# COMPACT_ATOMS: atom_id res chain seq x y z
N PRO A 3 -32.58 -22.54 54.12
CA PRO A 3 -31.35 -22.63 53.30
C PRO A 3 -31.30 -21.70 52.07
N GLY A 4 -32.26 -21.79 51.14
CA GLY A 4 -32.25 -20.88 50.01
C GLY A 4 -31.22 -21.25 48.95
N ALA A 5 -30.76 -20.23 48.23
CA ALA A 5 -29.83 -20.45 47.15
C ALA A 5 -28.93 -19.24 47.00
N THR A 6 -27.86 -19.42 46.26
CA THR A 6 -27.03 -18.30 45.84
C THR A 6 -26.94 -18.31 44.32
N LEU A 7 -27.08 -17.14 43.72
CA LEU A 7 -26.92 -17.03 42.26
C LEU A 7 -25.89 -15.96 41.99
N CYS A 8 -24.78 -16.32 41.34
CA CYS A 8 -23.67 -15.41 41.10
C CYS A 8 -23.56 -15.09 39.62
N LEU A 9 -23.38 -13.81 39.32
CA LEU A 9 -23.20 -13.34 37.96
C LEU A 9 -21.71 -13.20 37.67
N GLY A 10 -21.29 -13.56 36.47
CA GLY A 10 -19.86 -13.47 36.22
C GLY A 10 -19.52 -13.42 34.75
N HIS A 11 -18.21 -13.44 34.49
CA HIS A 11 -17.69 -13.35 33.13
C HIS A 11 -16.48 -14.28 33.02
N HIS A 12 -16.11 -14.60 31.78
CA HIS A 12 -15.01 -15.55 31.62
C HIS A 12 -13.65 -14.85 31.77
N ALA A 13 -12.61 -15.66 31.78
CA ALA A 13 -11.22 -15.22 31.80
C ALA A 13 -10.44 -16.29 31.09
N VAL A 14 -9.20 -15.97 30.69
CA VAL A 14 -8.37 -16.95 29.98
C VAL A 14 -7.02 -17.03 30.68
N PRO A 15 -6.31 -18.15 30.54
CA PRO A 15 -4.97 -18.24 31.11
C PRO A 15 -3.91 -17.47 30.32
N ASN A 16 -4.15 -17.15 29.06
CA ASN A 16 -3.13 -16.52 28.19
C ASN A 16 -3.67 -15.21 27.66
N GLY A 17 -3.79 -14.19 28.52
CA GLY A 17 -4.30 -12.91 28.07
C GLY A 17 -3.29 -12.15 27.21
N THR A 18 -3.70 -11.00 26.68
CA THR A 18 -2.86 -10.20 25.78
C THR A 18 -2.84 -8.75 26.25
N ILE A 19 -1.66 -8.12 26.22
CA ILE A 19 -1.51 -6.74 26.67
C ILE A 19 -1.84 -5.77 25.52
N VAL A 20 -2.70 -4.79 25.79
CA VAL A 20 -3.04 -3.73 24.84
C VAL A 20 -2.89 -2.37 25.53
N LYS A 21 -2.92 -1.31 24.72
CA LYS A 21 -2.87 0.07 25.17
C LYS A 21 -4.27 0.67 25.10
N THR A 22 -4.58 1.55 26.05
CA THR A 22 -5.80 2.35 25.99
C THR A 22 -5.44 3.81 26.18
N ILE A 23 -6.47 4.65 26.21
CA ILE A 23 -6.37 6.09 26.50
C ILE A 23 -5.84 6.35 27.91
N THR A 24 -6.18 5.49 28.86
CA THR A 24 -5.75 5.73 30.23
C THR A 24 -4.69 4.77 30.72
N ASN A 25 -4.33 3.75 29.94
CA ASN A 25 -3.38 2.76 30.45
C ASN A 25 -2.49 2.30 29.32
N ASP A 26 -1.18 2.32 29.56
CA ASP A 26 -0.23 1.85 28.55
C ASP A 26 -0.19 0.33 28.46
N ARG A 27 -0.63 -0.38 29.50
CA ARG A 27 -0.50 -1.85 29.55
C ARG A 27 -1.69 -2.39 30.31
N ILE A 28 -2.68 -2.91 29.61
CA ILE A 28 -3.80 -3.56 30.28
C ILE A 28 -4.11 -4.88 29.58
N GLU A 29 -4.41 -5.91 30.36
CA GLU A 29 -4.56 -7.24 29.80
C GLU A 29 -6.01 -7.55 29.43
N VAL A 30 -6.23 -7.99 28.19
CA VAL A 30 -7.55 -8.38 27.73
C VAL A 30 -7.52 -9.86 27.33
N THR A 31 -8.70 -10.44 27.11
CA THR A 31 -8.74 -11.88 26.81
C THR A 31 -8.21 -12.21 25.42
N ASN A 32 -8.19 -11.26 24.51
CA ASN A 32 -7.82 -11.53 23.13
C ASN A 32 -7.62 -10.20 22.43
N ALA A 33 -6.80 -10.22 21.39
CA ALA A 33 -6.56 -9.01 20.61
C ALA A 33 -6.14 -9.44 19.22
N THR A 34 -6.12 -8.49 18.30
CA THR A 34 -5.68 -8.79 16.95
C THR A 34 -4.73 -7.69 16.50
N GLU A 35 -3.68 -8.08 15.77
CA GLU A 35 -2.67 -7.15 15.29
C GLU A 35 -3.18 -6.35 14.09
N LEU A 36 -3.01 -5.01 14.12
CA LEU A 36 -3.45 -4.17 13.01
C LEU A 36 -2.30 -3.71 12.10
N VAL A 37 -1.05 -4.04 12.41
CA VAL A 37 0.10 -3.62 11.60
C VAL A 37 0.71 -4.86 10.97
N GLN A 38 0.61 -4.96 9.65
CA GLN A 38 1.28 -6.03 8.91
C GLN A 38 2.78 -5.80 8.95
N ASN A 39 3.55 -6.78 9.45
CA ASN A 39 4.97 -6.53 9.65
C ASN A 39 5.87 -7.44 8.84
N SER A 40 5.32 -8.23 7.92
CA SER A 40 6.15 -9.16 7.14
C SER A 40 5.67 -9.18 5.69
N SER A 41 6.59 -9.49 4.77
CA SER A 41 6.19 -9.88 3.44
C SER A 41 6.65 -11.31 3.19
N ILE A 42 6.10 -11.90 2.11
CA ILE A 42 6.54 -13.23 1.69
C ILE A 42 7.83 -13.20 0.92
N GLY A 43 8.40 -12.03 0.66
CA GLY A 43 9.69 -11.93 0.02
C GLY A 43 9.73 -12.13 -1.47
N GLU A 44 8.57 -12.26 -2.13
CA GLU A 44 8.51 -12.33 -3.57
C GLU A 44 7.32 -11.51 -4.02
N ILE A 45 7.39 -11.01 -5.26
CA ILE A 45 6.29 -10.24 -5.84
C ILE A 45 5.39 -11.20 -6.60
N CYS A 46 4.14 -11.32 -6.15
CA CYS A 46 3.21 -12.25 -6.77
C CYS A 46 2.82 -11.72 -8.15
N ASP A 47 2.77 -12.62 -9.13
CA ASP A 47 2.54 -12.15 -10.50
C ASP A 47 1.07 -12.00 -10.86
N SER A 48 0.17 -12.19 -9.90
CA SER A 48 -1.27 -11.95 -10.07
C SER A 48 -1.72 -11.12 -8.89
N PRO A 49 -2.71 -10.24 -9.06
CA PRO A 49 -3.52 -9.95 -10.24
C PRO A 49 -2.91 -8.88 -11.16
N HIS A 50 -1.84 -8.23 -10.73
CA HIS A 50 -1.26 -7.14 -11.51
C HIS A 50 -0.30 -7.72 -12.54
N GLN A 51 -0.29 -7.14 -13.73
CA GLN A 51 0.63 -7.59 -14.75
C GLN A 51 2.03 -7.03 -14.48
N ILE A 52 2.96 -7.90 -14.11
CA ILE A 52 4.32 -7.52 -13.74
C ILE A 52 5.23 -7.68 -14.94
N LEU A 53 6.06 -6.69 -15.21
CA LEU A 53 7.14 -6.80 -16.19
C LEU A 53 8.46 -6.65 -15.44
N ASP A 54 9.23 -7.73 -15.39
CA ASP A 54 10.55 -7.71 -14.76
C ASP A 54 11.58 -7.09 -15.71
N GLY A 55 12.15 -5.95 -15.32
CA GLY A 55 13.10 -5.26 -16.18
C GLY A 55 14.43 -5.96 -16.36
N GLU A 56 14.73 -6.93 -15.49
CA GLU A 56 16.00 -7.67 -15.53
C GLU A 56 17.20 -6.73 -15.59
N ASN A 57 17.99 -6.78 -16.66
CA ASN A 57 19.16 -5.90 -16.74
C ASN A 57 18.84 -4.49 -17.26
N CYS A 58 17.58 -4.18 -17.53
CA CYS A 58 17.19 -2.96 -18.23
C CYS A 58 16.42 -2.01 -17.34
N THR A 59 16.81 -0.74 -17.35
CA THR A 59 15.93 0.31 -16.87
C THR A 59 14.81 0.51 -17.87
N LEU A 60 13.73 1.16 -17.40
CA LEU A 60 12.64 1.47 -18.30
C LEU A 60 13.11 2.40 -19.43
N ILE A 61 13.93 3.40 -19.08
CA ILE A 61 14.42 4.33 -20.11
C ILE A 61 15.26 3.60 -21.16
N ASP A 62 16.09 2.63 -20.73
CA ASP A 62 16.86 1.89 -21.72
C ASP A 62 15.97 1.01 -22.59
N ALA A 63 14.91 0.44 -22.03
CA ALA A 63 13.96 -0.31 -22.83
C ALA A 63 13.23 0.60 -23.81
N LEU A 64 12.94 1.83 -23.39
CA LEU A 64 12.31 2.83 -24.25
C LEU A 64 13.18 3.18 -25.44
N LEU A 65 14.42 3.62 -25.17
CA LEU A 65 15.33 4.02 -26.25
C LEU A 65 15.70 2.85 -27.16
N GLY A 66 15.80 1.65 -26.61
CA GLY A 66 16.14 0.47 -27.36
C GLY A 66 17.61 0.06 -27.29
N ASP A 67 18.16 0.10 -26.08
CA ASP A 67 19.45 -0.51 -25.79
C ASP A 67 19.40 -1.98 -26.23
N PRO A 68 20.45 -2.50 -26.91
CA PRO A 68 20.33 -3.86 -27.49
C PRO A 68 19.98 -4.96 -26.50
N GLN A 69 20.41 -4.87 -25.24
CA GLN A 69 20.03 -5.94 -24.33
C GLN A 69 18.55 -5.88 -23.98
N CYS A 70 17.84 -4.83 -24.40
CA CYS A 70 16.45 -4.59 -24.05
C CYS A 70 15.50 -4.87 -25.21
N ASP A 71 15.98 -5.51 -26.29
CA ASP A 71 15.14 -5.72 -27.45
C ASP A 71 13.93 -6.59 -27.13
N GLY A 72 14.05 -7.48 -26.14
CA GLY A 72 12.92 -8.29 -25.73
C GLY A 72 11.77 -7.50 -25.14
N PHE A 73 11.99 -6.23 -24.80
CA PHE A 73 10.94 -5.42 -24.18
C PHE A 73 10.13 -4.61 -25.19
N GLN A 74 10.47 -4.67 -26.47
CA GLN A 74 9.76 -3.90 -27.49
C GLN A 74 8.27 -4.20 -27.44
N ASN A 75 7.46 -3.14 -27.33
CA ASN A 75 6.00 -3.20 -27.42
C ASN A 75 5.38 -3.91 -26.23
N LYS A 76 6.11 -4.12 -25.14
CA LYS A 76 5.51 -4.76 -23.98
C LYS A 76 4.66 -3.77 -23.19
N LYS A 77 3.79 -4.31 -22.33
CA LYS A 77 2.87 -3.54 -21.50
C LYS A 77 3.02 -4.03 -20.06
N TRP A 78 2.60 -3.20 -19.11
CA TRP A 78 2.71 -3.60 -17.71
C TRP A 78 1.70 -2.83 -16.86
N ASP A 79 1.27 -3.46 -15.77
CA ASP A 79 0.74 -2.70 -14.64
C ASP A 79 1.89 -2.19 -13.76
N LEU A 80 2.88 -3.02 -13.49
CA LEU A 80 4.03 -2.60 -12.68
C LEU A 80 5.31 -3.05 -13.36
N PHE A 81 6.14 -2.10 -13.73
CA PHE A 81 7.48 -2.36 -14.23
C PHE A 81 8.42 -2.44 -13.03
N VAL A 82 9.22 -3.50 -12.95
CA VAL A 82 10.11 -3.71 -11.81
C VAL A 82 11.54 -3.48 -12.27
N GLU A 83 12.18 -2.44 -11.73
CA GLU A 83 13.55 -2.09 -12.08
C GLU A 83 14.49 -2.68 -11.05
N ARG A 84 15.51 -3.40 -11.53
CA ARG A 84 16.46 -4.12 -10.70
C ARG A 84 17.71 -3.29 -10.47
N SER A 85 18.30 -3.44 -9.28
CA SER A 85 19.52 -2.69 -8.99
C SER A 85 20.73 -3.13 -9.83
N LYS A 86 20.71 -4.34 -10.37
CA LYS A 86 21.78 -4.80 -11.26
C LYS A 86 21.71 -4.19 -12.65
N ALA A 87 20.66 -3.44 -12.97
CA ALA A 87 20.51 -2.93 -14.33
C ALA A 87 21.69 -2.02 -14.69
N TYR A 88 22.10 -2.08 -15.96
CA TYR A 88 23.19 -1.25 -16.43
C TYR A 88 22.92 -0.90 -17.89
N SER A 89 23.43 0.25 -18.32
CA SER A 89 23.37 0.66 -19.71
C SER A 89 24.55 0.12 -20.50
N ASN A 90 24.32 -0.19 -21.78
CA ASN A 90 25.36 -0.80 -22.59
C ASN A 90 25.25 -0.32 -24.04
N CYS A 91 24.95 0.96 -24.24
CA CYS A 91 24.79 1.52 -25.57
C CYS A 91 25.56 2.83 -25.61
N TYR A 92 25.22 3.73 -26.54
CA TYR A 92 25.89 5.03 -26.60
C TYR A 92 25.63 5.82 -25.31
N PRO A 93 26.64 6.48 -24.75
CA PRO A 93 26.41 7.24 -23.52
C PRO A 93 25.43 8.39 -23.74
N TYR A 94 24.48 8.51 -22.82
CA TYR A 94 23.44 9.52 -22.95
C TYR A 94 23.07 10.08 -21.60
N ASP A 95 22.40 11.22 -21.62
CA ASP A 95 21.67 11.65 -20.44
C ASP A 95 20.31 12.18 -20.88
N VAL A 96 19.43 12.33 -19.90
CA VAL A 96 18.08 12.82 -20.11
C VAL A 96 17.85 14.00 -19.17
N PRO A 97 17.85 15.24 -19.65
CA PRO A 97 17.36 16.33 -18.81
C PRO A 97 15.96 15.99 -18.30
N ASP A 98 15.78 16.10 -16.99
CA ASP A 98 14.54 15.70 -16.35
C ASP A 98 14.24 14.22 -16.61
N TYR A 99 15.29 13.41 -16.46
CA TYR A 99 15.18 11.95 -16.52
C TYR A 99 14.01 11.44 -15.68
N ALA A 100 13.89 11.93 -14.45
CA ALA A 100 12.85 11.42 -13.53
C ALA A 100 11.46 11.60 -14.12
N SER A 101 11.23 12.72 -14.83
CA SER A 101 9.90 12.95 -15.40
C SER A 101 9.63 12.05 -16.60
N LEU A 102 10.64 11.80 -17.45
CA LEU A 102 10.40 10.90 -18.57
C LEU A 102 10.13 9.50 -18.05
N ARG A 103 10.93 9.04 -17.08
CA ARG A 103 10.70 7.74 -16.46
C ARG A 103 9.28 7.65 -15.89
N SER A 104 8.86 8.69 -15.17
CA SER A 104 7.54 8.71 -14.56
C SER A 104 6.44 8.63 -15.61
N LEU A 105 6.54 9.48 -16.63
CA LEU A 105 5.43 9.53 -17.58
C LEU A 105 5.34 8.24 -18.39
N VAL A 106 6.46 7.59 -18.71
CA VAL A 106 6.39 6.31 -19.42
C VAL A 106 5.86 5.22 -18.49
N ALA A 107 6.39 5.15 -17.26
CA ALA A 107 5.89 4.19 -16.27
C ALA A 107 4.38 4.28 -16.10
N SER A 108 3.86 5.51 -16.00
CA SER A 108 2.43 5.70 -15.73
C SER A 108 1.59 5.33 -16.95
N SER A 109 2.18 5.47 -18.14
CA SER A 109 1.51 5.12 -19.39
C SER A 109 1.34 3.61 -19.55
N GLY A 110 2.34 2.84 -19.12
CA GLY A 110 2.19 1.40 -19.05
C GLY A 110 2.46 0.64 -20.33
N THR A 111 3.09 1.27 -21.32
CA THR A 111 3.23 0.62 -22.61
C THR A 111 4.46 1.14 -23.33
N LEU A 112 5.16 0.22 -23.99
CA LEU A 112 6.19 0.58 -24.96
C LEU A 112 5.76 0.31 -26.40
N GLU A 113 4.45 0.21 -26.67
CA GLU A 113 4.02 0.11 -28.06
C GLU A 113 4.50 1.28 -28.89
N PHE A 114 5.11 0.94 -30.02
CA PHE A 114 5.84 1.87 -30.86
C PHE A 114 5.39 1.64 -32.29
N ASN A 115 5.07 2.72 -32.99
CA ASN A 115 4.68 2.64 -34.40
C ASN A 115 5.70 3.39 -35.25
N ASN A 116 6.31 2.69 -36.21
CA ASN A 116 7.29 3.31 -37.11
C ASN A 116 6.62 4.32 -38.03
N GLU A 117 7.36 5.37 -38.37
CA GLU A 117 6.87 6.36 -39.32
C GLU A 117 7.97 6.66 -40.33
N SER A 118 7.56 6.98 -41.55
CA SER A 118 8.50 7.28 -42.63
C SER A 118 8.68 8.79 -42.72
N PHE A 119 9.82 9.26 -42.22
CA PHE A 119 10.10 10.70 -42.23
C PHE A 119 10.68 11.17 -43.56
N ASN A 120 11.21 10.25 -44.35
CA ASN A 120 11.84 10.59 -45.63
C ASN A 120 12.93 11.64 -45.42
N TRP A 121 14.01 11.18 -44.80
CA TRP A 121 15.23 11.96 -44.63
C TRP A 121 15.97 11.98 -45.96
N THR A 122 15.96 13.11 -46.64
CA THR A 122 16.63 13.23 -47.92
C THR A 122 17.85 14.11 -47.74
N GLY A 123 18.95 13.74 -48.38
CA GLY A 123 20.18 14.50 -48.33
C GLY A 123 21.15 14.13 -47.23
N VAL A 124 20.80 13.18 -46.36
CA VAL A 124 21.66 12.78 -45.24
C VAL A 124 21.84 11.27 -45.22
N THR A 125 22.85 10.83 -44.49
CA THR A 125 23.08 9.42 -44.22
C THR A 125 22.34 9.01 -42.94
N GLN A 126 21.56 7.93 -43.02
CA GLN A 126 20.79 7.43 -41.90
C GLN A 126 21.52 6.30 -41.18
N ASN A 127 21.03 5.94 -40.01
CA ASN A 127 21.38 4.67 -39.36
C ASN A 127 22.84 4.62 -38.89
N GLY A 128 23.34 5.73 -38.36
CA GLY A 128 24.68 5.72 -37.79
C GLY A 128 24.78 4.79 -36.59
N THR A 129 25.95 4.17 -36.45
CA THR A 129 26.17 3.13 -35.44
C THR A 129 27.42 3.44 -34.64
N SER A 130 27.65 2.64 -33.60
CA SER A 130 28.78 2.80 -32.69
C SER A 130 29.18 1.47 -32.09
N SER A 131 30.50 1.28 -31.91
CA SER A 131 30.99 0.10 -31.19
C SER A 131 30.69 0.16 -29.69
N ALA A 132 30.21 1.29 -29.17
CA ALA A 132 29.73 1.30 -27.80
C ALA A 132 28.38 0.64 -27.67
N CYS A 133 27.70 0.33 -28.78
CA CYS A 133 26.33 -0.20 -28.76
C CYS A 133 26.29 -1.43 -29.66
N ILE A 134 26.76 -2.57 -29.14
CA ILE A 134 26.85 -3.80 -29.93
C ILE A 134 25.51 -4.52 -29.94
N ARG A 135 25.01 -4.84 -31.14
CA ARG A 135 23.83 -5.66 -31.33
C ARG A 135 24.19 -6.81 -32.26
N ARG A 136 24.06 -8.04 -31.78
CA ARG A 136 24.44 -9.22 -32.55
C ARG A 136 25.88 -9.14 -33.07
N SER A 137 26.80 -8.80 -32.16
CA SER A 137 28.23 -8.75 -32.42
C SER A 137 28.62 -7.70 -33.46
N SER A 138 27.76 -6.71 -33.70
CA SER A 138 27.99 -5.70 -34.71
C SER A 138 27.76 -4.33 -34.08
N SER A 139 28.46 -3.31 -34.58
CA SER A 139 28.22 -1.94 -34.12
C SER A 139 26.80 -1.52 -34.46
N SER A 140 26.08 -0.99 -33.46
CA SER A 140 24.68 -0.63 -33.66
C SER A 140 24.32 0.68 -32.98
N PHE A 141 23.05 0.83 -32.59
CA PHE A 141 22.56 2.07 -31.99
C PHE A 141 21.20 1.78 -31.35
N PHE A 142 20.73 2.73 -30.53
CA PHE A 142 19.39 2.63 -29.96
C PHE A 142 18.39 2.28 -31.06
N SER A 143 17.57 1.25 -30.80
CA SER A 143 16.69 0.73 -31.85
C SER A 143 15.67 1.77 -32.30
N ARG A 144 15.21 2.63 -31.39
CA ARG A 144 14.15 3.58 -31.70
C ARG A 144 14.68 4.94 -32.15
N LEU A 145 16.01 5.10 -32.23
CA LEU A 145 16.64 6.36 -32.61
C LEU A 145 17.39 6.20 -33.94
N ASN A 146 17.53 7.31 -34.67
CA ASN A 146 18.12 7.29 -36.01
C ASN A 146 19.22 8.35 -36.09
N TRP A 147 20.47 7.91 -36.04
CA TRP A 147 21.64 8.81 -36.07
C TRP A 147 21.93 9.24 -37.51
N LEU A 148 21.56 10.48 -37.84
CA LEU A 148 21.81 11.04 -39.17
C LEU A 148 23.16 11.73 -39.23
N THR A 149 23.89 11.55 -40.33
CA THR A 149 25.15 12.24 -40.54
C THR A 149 25.17 12.82 -41.95
N HIS A 150 26.32 13.38 -42.33
CA HIS A 150 26.43 13.99 -43.63
C HIS A 150 26.33 12.94 -44.73
N LEU A 151 25.89 13.39 -45.90
CA LEU A 151 25.94 12.62 -47.14
C LEU A 151 26.76 13.40 -48.14
N ASN A 152 27.85 12.79 -48.61
CA ASN A 152 28.78 13.42 -49.57
C ASN A 152 29.31 14.76 -49.04
N TYR A 153 29.60 14.79 -47.74
CA TYR A 153 30.15 15.95 -47.05
C TYR A 153 29.23 17.17 -47.13
N LYS A 154 27.94 16.90 -47.33
CA LYS A 154 26.89 17.90 -47.20
C LYS A 154 25.92 17.41 -46.13
N TYR A 155 25.45 18.34 -45.29
CA TYR A 155 24.32 18.10 -44.39
C TYR A 155 23.32 19.21 -44.69
N PRO A 156 22.44 19.00 -45.67
CA PRO A 156 21.49 20.06 -46.02
C PRO A 156 20.41 20.16 -44.96
N ALA A 157 19.97 21.39 -44.70
CA ALA A 157 19.06 21.62 -43.58
C ALA A 157 17.81 20.78 -43.73
N LEU A 158 17.38 20.18 -42.62
CA LEU A 158 16.17 19.37 -42.58
C LEU A 158 15.00 20.22 -42.11
N ASN A 159 13.84 20.00 -42.75
CA ASN A 159 12.62 20.71 -42.38
C ASN A 159 11.46 19.75 -42.68
N VAL A 160 11.18 18.86 -41.71
CA VAL A 160 10.31 17.71 -41.92
C VAL A 160 9.09 17.80 -41.01
N THR A 161 7.94 17.45 -41.58
CA THR A 161 6.64 17.48 -40.92
C THR A 161 6.14 16.06 -40.68
N MET A 162 5.49 15.81 -39.55
CA MET A 162 4.76 14.55 -39.36
C MET A 162 3.45 14.86 -38.65
N PRO A 163 2.33 14.87 -39.38
CA PRO A 163 1.05 15.18 -38.75
C PRO A 163 0.52 14.03 -37.91
N ASN A 164 -0.17 14.38 -36.83
CA ASN A 164 -0.90 13.39 -36.04
C ASN A 164 -2.34 13.38 -36.52
N ASN A 165 -2.64 12.42 -37.41
CA ASN A 165 -4.00 12.22 -37.91
C ASN A 165 -4.72 11.07 -37.20
N GLU A 166 -4.21 10.65 -36.05
CA GLU A 166 -4.82 9.60 -35.25
C GLU A 166 -5.80 10.22 -34.23
N GLN A 167 -6.49 9.36 -33.49
CA GLN A 167 -7.39 9.77 -32.43
C GLN A 167 -6.74 9.76 -31.05
N PHE A 168 -5.44 9.49 -30.98
CA PHE A 168 -4.71 9.39 -29.72
C PHE A 168 -3.44 10.25 -29.79
N ASP A 169 -2.87 10.51 -28.62
CA ASP A 169 -1.62 11.25 -28.47
C ASP A 169 -0.41 10.41 -28.90
N LYS A 170 0.56 11.06 -29.52
CA LYS A 170 1.83 10.44 -29.88
C LYS A 170 2.95 10.97 -29.00
N LEU A 171 3.82 10.09 -28.54
CA LEU A 171 4.99 10.48 -27.75
C LEU A 171 6.24 10.26 -28.58
N TYR A 172 6.96 11.34 -28.90
CA TYR A 172 8.19 11.25 -29.68
C TYR A 172 9.42 11.39 -28.80
N ILE A 173 10.38 10.49 -28.98
CA ILE A 173 11.66 10.54 -28.28
C ILE A 173 12.74 10.86 -29.31
N TRP A 174 13.56 11.87 -29.01
CA TRP A 174 14.61 12.28 -29.93
C TRP A 174 15.79 12.80 -29.13
N GLY A 175 16.86 13.17 -29.82
CA GLY A 175 18.03 13.60 -29.06
C GLY A 175 18.93 14.52 -29.86
N VAL A 176 19.91 15.06 -29.16
CA VAL A 176 20.96 15.89 -29.76
C VAL A 176 22.30 15.24 -29.46
N HIS A 177 23.16 15.15 -30.46
CA HIS A 177 24.48 14.59 -30.28
C HIS A 177 25.45 15.72 -29.93
N HIS A 178 26.19 15.55 -28.83
CA HIS A 178 27.23 16.49 -28.40
C HIS A 178 28.57 15.86 -28.74
N PRO A 179 29.23 16.27 -29.81
CA PRO A 179 30.51 15.65 -30.15
C PRO A 179 31.60 16.04 -29.17
N GLY A 180 32.59 15.16 -29.04
CA GLY A 180 33.69 15.40 -28.12
C GLY A 180 34.62 16.53 -28.54
N THR A 181 34.80 16.75 -29.85
CA THR A 181 35.70 17.78 -30.35
C THR A 181 35.09 18.47 -31.56
N ASP A 182 35.62 19.66 -31.87
CA ASP A 182 35.21 20.38 -33.07
C ASP A 182 35.51 19.60 -34.33
N LYS A 183 36.55 18.76 -34.29
CA LYS A 183 36.88 17.92 -35.44
C LYS A 183 35.81 16.86 -35.66
N ASP A 184 35.37 16.21 -34.58
CA ASP A 184 34.30 15.22 -34.69
C ASP A 184 33.04 15.83 -35.26
N GLN A 185 32.70 17.04 -34.82
CA GLN A 185 31.58 17.79 -35.40
C GLN A 185 31.65 17.82 -36.93
N ILE A 186 32.84 18.06 -37.49
CA ILE A 186 32.99 18.10 -38.94
C ILE A 186 32.89 16.71 -39.55
N PHE A 187 33.63 15.74 -38.99
CA PHE A 187 33.57 14.38 -39.52
C PHE A 187 32.15 13.88 -39.65
N LEU A 188 31.29 14.23 -38.69
CA LEU A 188 29.93 13.69 -38.67
C LEU A 188 28.93 14.54 -39.44
N TYR A 189 28.98 15.85 -39.30
CA TYR A 189 27.94 16.73 -39.82
C TYR A 189 28.43 17.69 -40.88
N ALA A 190 29.73 17.67 -41.22
CA ALA A 190 30.31 18.45 -42.31
C ALA A 190 30.06 19.95 -42.16
N GLN A 191 29.84 20.41 -40.93
CA GLN A 191 29.73 21.84 -40.66
C GLN A 191 29.84 22.07 -39.16
N SER A 192 30.20 23.30 -38.80
CA SER A 192 30.73 23.56 -37.46
C SER A 192 29.64 23.70 -36.39
N SER A 193 28.43 24.12 -36.75
CA SER A 193 27.43 24.47 -35.75
C SER A 193 26.07 23.89 -36.11
N GLY A 194 25.65 22.86 -35.37
CA GLY A 194 24.33 22.31 -35.54
C GLY A 194 23.26 23.05 -34.74
N ARG A 195 22.02 22.96 -35.21
CA ARG A 195 20.86 23.54 -34.55
C ARG A 195 19.71 22.55 -34.67
N ILE A 196 18.92 22.43 -33.61
CA ILE A 196 17.73 21.58 -33.64
C ILE A 196 16.56 22.41 -33.14
N THR A 197 15.45 22.37 -33.87
CA THR A 197 14.22 23.02 -33.41
C THR A 197 13.07 22.03 -33.62
N VAL A 198 12.50 21.50 -32.54
CA VAL A 198 11.39 20.57 -32.62
C VAL A 198 10.15 21.24 -32.02
N SER A 199 9.08 21.31 -32.80
CA SER A 199 7.95 22.12 -32.41
C SER A 199 6.64 21.49 -32.84
N THR A 200 5.56 21.97 -32.21
CA THR A 200 4.19 21.68 -32.58
C THR A 200 3.47 23.03 -32.64
N LYS A 201 2.15 23.01 -32.84
CA LYS A 201 1.41 24.26 -32.76
C LYS A 201 1.48 24.87 -31.37
N ARG A 202 1.65 24.03 -30.34
CA ARG A 202 1.51 24.52 -28.97
C ARG A 202 2.79 24.39 -28.15
N SER A 203 3.91 23.99 -28.75
CA SER A 203 5.15 23.86 -27.98
C SER A 203 6.34 24.01 -28.91
N GLN A 204 7.46 24.46 -28.35
CA GLN A 204 8.70 24.55 -29.11
C GLN A 204 9.86 24.14 -28.22
N GLN A 205 10.81 23.37 -28.78
CA GLN A 205 12.04 23.01 -28.09
C GLN A 205 13.20 23.23 -29.05
N ALA A 206 14.11 24.14 -28.69
CA ALA A 206 15.30 24.42 -29.49
C ALA A 206 16.52 24.07 -28.65
N VAL A 207 17.40 23.25 -29.20
CA VAL A 207 18.60 22.79 -28.51
C VAL A 207 19.82 23.14 -29.35
N ILE A 208 20.91 23.45 -28.66
CA ILE A 208 22.20 23.74 -29.29
C ILE A 208 23.19 22.69 -28.79
N PRO A 209 23.93 22.01 -29.66
CA PRO A 209 24.94 21.07 -29.18
C PRO A 209 26.06 21.79 -28.43
N ASN A 210 26.61 21.10 -27.44
CA ASN A 210 27.70 21.62 -26.61
C ASN A 210 28.91 20.73 -26.82
N ILE A 211 29.88 21.23 -27.57
CA ILE A 211 31.05 20.45 -27.95
C ILE A 211 32.06 20.44 -26.81
N GLY A 212 32.63 19.28 -26.54
CA GLY A 212 33.68 19.17 -25.55
C GLY A 212 33.81 17.74 -25.05
N SER A 213 34.92 17.51 -24.36
CA SER A 213 35.25 16.16 -23.88
C SER A 213 34.50 15.86 -22.58
N ARG A 214 33.81 14.72 -22.56
CA ARG A 214 33.30 14.08 -21.35
C ARG A 214 34.08 12.79 -21.10
N PRO A 215 34.12 12.30 -19.86
CA PRO A 215 34.90 11.09 -19.59
C PRO A 215 34.44 9.96 -20.49
N LYS A 216 35.39 9.19 -21.00
CA LYS A 216 35.03 8.20 -22.01
C LYS A 216 34.29 7.02 -21.40
N ILE A 217 33.17 6.66 -22.03
CA ILE A 217 32.41 5.47 -21.69
C ILE A 217 32.37 4.60 -22.94
N ARG A 218 32.81 3.35 -22.79
CA ARG A 218 33.06 2.46 -23.92
C ARG A 218 33.78 3.21 -25.04
N ASP A 219 34.80 3.99 -24.67
CA ASP A 219 35.67 4.74 -25.55
C ASP A 219 35.01 5.95 -26.21
N ILE A 220 33.85 6.39 -25.73
CA ILE A 220 33.12 7.48 -26.36
C ILE A 220 33.21 8.70 -25.44
N PRO A 221 33.87 9.78 -25.87
CA PRO A 221 33.84 11.03 -25.11
C PRO A 221 32.70 11.95 -25.48
N SER A 222 31.90 11.57 -26.47
CA SER A 222 30.70 12.29 -26.84
C SER A 222 29.51 11.85 -25.99
N ARG A 223 28.41 12.60 -26.09
CA ARG A 223 27.19 12.31 -25.36
C ARG A 223 25.99 12.64 -26.24
N ILE A 224 24.89 11.93 -26.01
CA ILE A 224 23.59 12.28 -26.57
C ILE A 224 22.70 12.76 -25.44
N SER A 225 21.92 13.82 -25.68
CA SER A 225 20.93 14.27 -24.71
C SER A 225 19.54 13.99 -25.24
N ILE A 226 18.71 13.34 -24.42
CA ILE A 226 17.40 12.85 -24.82
C ILE A 226 16.33 13.88 -24.47
N TYR A 227 15.43 14.15 -25.43
CA TYR A 227 14.29 15.02 -25.25
C TYR A 227 13.04 14.28 -25.71
N TRP A 228 11.87 14.78 -25.31
CA TRP A 228 10.61 14.18 -25.74
C TRP A 228 9.61 15.26 -26.10
N THR A 229 8.65 14.88 -26.94
CA THR A 229 7.60 15.78 -27.41
C THR A 229 6.31 15.01 -27.54
N ILE A 230 5.23 15.54 -26.99
CA ILE A 230 3.91 14.94 -27.14
C ILE A 230 3.14 15.69 -28.21
N VAL A 231 2.55 14.95 -29.15
CA VAL A 231 1.80 15.54 -30.26
C VAL A 231 0.36 15.06 -30.15
N LYS A 232 -0.56 16.01 -29.95
CA LYS A 232 -1.99 15.77 -29.85
C LYS A 232 -2.61 15.53 -31.23
N PRO A 233 -3.75 14.83 -31.27
CA PRO A 233 -4.48 14.69 -32.55
C PRO A 233 -4.79 16.06 -33.13
N GLY A 234 -4.63 16.18 -34.44
CA GLY A 234 -4.81 17.44 -35.12
C GLY A 234 -3.61 18.35 -35.07
N ASP A 235 -2.56 17.99 -34.34
CA ASP A 235 -1.34 18.76 -34.29
C ASP A 235 -0.29 18.13 -35.21
N ILE A 236 0.86 18.79 -35.30
CA ILE A 236 1.92 18.44 -36.24
C ILE A 236 3.26 18.46 -35.52
N LEU A 237 4.12 17.49 -35.81
CA LEU A 237 5.51 17.56 -35.39
C LEU A 237 6.31 18.21 -36.51
N LEU A 238 7.06 19.25 -36.19
CA LEU A 238 7.93 19.93 -37.15
C LEU A 238 9.36 19.85 -36.64
N ILE A 239 10.23 19.15 -37.37
CA ILE A 239 11.63 19.00 -37.02
C ILE A 239 12.45 19.83 -38.00
N ASN A 240 13.30 20.72 -37.47
CA ASN A 240 14.08 21.67 -38.26
C ASN A 240 15.49 21.61 -37.69
N SER A 241 16.46 21.15 -38.49
CA SER A 241 17.80 20.87 -37.97
C SER A 241 18.86 21.02 -39.04
N THR A 242 20.00 21.60 -38.66
CA THR A 242 21.16 21.74 -39.53
C THR A 242 22.30 20.81 -39.14
N GLY A 243 22.06 19.88 -38.24
CA GLY A 243 23.07 18.93 -37.79
C GLY A 243 22.80 18.52 -36.36
N ASN A 244 23.41 17.39 -35.97
CA ASN A 244 23.45 16.87 -34.60
C ASN A 244 22.14 16.28 -34.12
N LEU A 245 21.17 16.11 -35.03
CA LEU A 245 19.89 15.51 -34.67
C LEU A 245 20.02 13.99 -34.54
N ILE A 246 19.54 13.46 -33.41
CA ILE A 246 19.27 12.04 -33.24
C ILE A 246 17.77 11.88 -33.45
N ALA A 247 17.38 11.38 -34.63
CA ALA A 247 16.00 11.49 -35.06
C ALA A 247 15.13 10.37 -34.47
N PRO A 248 13.84 10.63 -34.28
CA PRO A 248 12.93 9.54 -33.92
C PRO A 248 12.66 8.66 -35.13
N ARG A 249 12.26 7.41 -34.87
CA ARG A 249 11.90 6.49 -35.95
C ARG A 249 10.39 6.29 -36.03
N GLY A 250 9.64 6.97 -35.17
CA GLY A 250 8.22 6.73 -35.01
C GLY A 250 7.81 7.31 -33.67
N TYR A 251 6.66 6.84 -33.18
CA TYR A 251 6.12 7.34 -31.93
C TYR A 251 5.73 6.19 -31.01
N PHE A 252 5.65 6.50 -29.73
CA PHE A 252 5.11 5.61 -28.72
C PHE A 252 3.67 5.98 -28.50
N LYS A 253 2.82 4.97 -28.35
CA LYS A 253 1.49 5.22 -27.83
C LYS A 253 1.66 5.67 -26.39
N ILE A 254 0.99 6.74 -26.02
CA ILE A 254 0.96 7.15 -24.62
C ILE A 254 -0.47 6.97 -24.11
N ARG A 255 -0.62 6.24 -23.02
CA ARG A 255 -1.91 5.97 -22.40
C ARG A 255 -1.98 6.55 -21.01
N SER A 256 -3.20 6.54 -20.49
CA SER A 256 -3.48 6.87 -19.10
C SER A 256 -4.08 5.64 -18.43
N GLY A 257 -3.68 5.41 -17.18
CA GLY A 257 -4.25 4.30 -16.44
C GLY A 257 -3.51 4.12 -15.14
N LYS A 258 -3.49 2.88 -14.69
CA LYS A 258 -3.05 2.51 -13.36
C LYS A 258 -1.62 2.01 -13.31
N SER A 259 -0.85 2.16 -14.39
CA SER A 259 0.47 1.53 -14.39
C SER A 259 1.47 2.36 -13.58
N SER A 260 2.56 1.72 -13.16
CA SER A 260 3.61 2.40 -12.41
C SER A 260 4.92 1.62 -12.56
N ILE A 261 5.92 2.03 -11.79
CA ILE A 261 7.26 1.44 -11.77
C ILE A 261 7.72 1.35 -10.32
N MET A 262 8.49 0.31 -10.01
CA MET A 262 9.01 0.15 -8.66
C MET A 262 10.43 -0.42 -8.72
N ARG A 263 11.30 0.08 -7.86
CA ARG A 263 12.66 -0.44 -7.73
C ARG A 263 12.64 -1.55 -6.68
N SER A 264 13.04 -2.75 -7.06
CA SER A 264 12.97 -3.89 -6.15
C SER A 264 13.92 -4.96 -6.65
N ASP A 265 14.53 -5.69 -5.72
CA ASP A 265 15.27 -6.89 -6.07
C ASP A 265 14.54 -8.18 -5.69
N ALA A 266 13.27 -8.10 -5.28
CA ALA A 266 12.54 -9.29 -4.89
C ALA A 266 12.21 -10.16 -6.11
N PRO A 267 12.32 -11.48 -6.01
CA PRO A 267 11.96 -12.34 -7.13
C PRO A 267 10.46 -12.32 -7.38
N ILE A 268 10.09 -12.64 -8.62
CA ILE A 268 8.69 -12.76 -9.01
C ILE A 268 8.21 -14.17 -8.72
N GLY A 269 7.04 -14.28 -8.10
CA GLY A 269 6.50 -15.60 -7.78
C GLY A 269 5.16 -15.87 -8.46
N LYS A 270 4.78 -17.15 -8.54
CA LYS A 270 3.48 -17.54 -9.08
C LYS A 270 2.51 -17.62 -7.90
N CYS A 271 1.89 -16.51 -7.58
CA CYS A 271 0.98 -16.44 -6.45
C CYS A 271 0.09 -15.23 -6.69
N LYS A 272 -0.87 -15.02 -5.80
CA LYS A 272 -1.83 -13.92 -5.91
C LYS A 272 -1.70 -13.00 -4.71
N SER A 273 -1.52 -11.71 -4.95
CA SER A 273 -1.57 -10.75 -3.86
C SER A 273 -1.86 -9.37 -4.40
N GLU A 274 -2.80 -8.66 -3.76
CA GLU A 274 -3.21 -7.33 -4.23
C GLU A 274 -2.13 -6.29 -3.99
N CYS A 275 -1.32 -6.45 -2.95
CA CYS A 275 -0.43 -5.39 -2.49
C CYS A 275 1.02 -5.77 -2.73
N ILE A 276 1.75 -4.88 -3.40
CA ILE A 276 3.16 -5.06 -3.72
C ILE A 276 3.97 -4.00 -3.01
N THR A 277 5.06 -4.41 -2.38
CA THR A 277 6.10 -3.53 -1.84
C THR A 277 7.43 -3.97 -2.42
N PRO A 278 8.46 -3.11 -2.35
CA PRO A 278 9.79 -3.55 -2.85
C PRO A 278 10.34 -4.76 -2.12
N ASN A 279 9.89 -5.00 -0.89
CA ASN A 279 10.28 -6.18 -0.13
C ASN A 279 9.62 -7.44 -0.67
N GLY A 280 8.56 -7.30 -1.45
CA GLY A 280 7.68 -8.42 -1.78
C GLY A 280 6.24 -8.06 -1.50
N SER A 281 5.36 -8.95 -1.95
CA SER A 281 3.93 -8.75 -1.72
C SER A 281 3.65 -8.92 -0.23
N ILE A 282 2.66 -8.18 0.26
CA ILE A 282 2.22 -8.36 1.64
C ILE A 282 0.71 -8.61 1.69
N PRO A 283 0.22 -9.38 2.66
CA PRO A 283 -1.24 -9.50 2.84
C PRO A 283 -1.86 -8.14 3.14
N ASN A 284 -3.12 -7.97 2.75
CA ASN A 284 -3.74 -6.67 2.96
C ASN A 284 -4.98 -6.77 3.84
N ASP A 285 -5.07 -7.79 4.68
CA ASP A 285 -6.20 -7.87 5.61
C ASP A 285 -6.14 -6.75 6.65
N LYS A 286 -4.93 -6.45 7.14
CA LYS A 286 -4.80 -5.45 8.22
C LYS A 286 -4.84 -4.04 7.64
N PRO A 287 -5.26 -3.05 8.42
CA PRO A 287 -5.37 -1.68 7.87
C PRO A 287 -4.05 -0.95 7.78
N PHE A 288 -3.02 -1.37 8.51
CA PHE A 288 -1.74 -0.69 8.54
C PHE A 288 -0.62 -1.68 8.29
N GLN A 289 0.56 -1.14 7.98
CA GLN A 289 1.75 -1.96 7.73
C GLN A 289 2.99 -1.13 7.99
N ASN A 290 4.07 -1.80 8.39
CA ASN A 290 5.35 -1.13 8.58
C ASN A 290 6.44 -1.76 7.73
N VAL A 291 6.04 -2.39 6.63
CA VAL A 291 7.00 -3.04 5.75
C VAL A 291 7.72 -2.01 4.88
N ASN A 292 6.98 -1.14 4.19
CA ASN A 292 7.62 -0.19 3.29
C ASN A 292 6.67 0.94 2.97
N ARG A 293 7.20 2.17 2.94
CA ARG A 293 6.36 3.28 2.51
C ARG A 293 6.09 3.25 1.01
N ILE A 294 6.86 2.49 0.24
CA ILE A 294 6.61 2.33 -1.20
C ILE A 294 5.67 1.15 -1.39
N THR A 295 4.51 1.42 -2.01
CA THR A 295 3.50 0.40 -2.20
C THR A 295 2.83 0.58 -3.56
N TYR A 296 2.23 -0.51 -4.04
CA TYR A 296 1.43 -0.51 -5.26
C TYR A 296 0.28 -1.48 -5.08
N GLY A 297 -0.94 -1.03 -5.34
CA GLY A 297 -2.13 -1.87 -5.24
C GLY A 297 -2.96 -1.57 -4.01
N ALA A 298 -3.83 -2.52 -3.67
CA ALA A 298 -4.72 -2.36 -2.51
C ALA A 298 -3.92 -2.69 -1.27
N CYS A 299 -3.34 -1.67 -0.62
CA CYS A 299 -2.33 -1.88 0.41
C CYS A 299 -2.74 -1.29 1.74
N PRO A 300 -2.34 -1.93 2.86
CA PRO A 300 -2.43 -1.25 4.16
C PRO A 300 -1.62 0.04 4.16
N ARG A 301 -2.00 0.98 5.03
CA ARG A 301 -1.27 2.24 5.09
C ARG A 301 -0.01 2.12 5.94
N TYR A 302 1.09 2.68 5.42
CA TYR A 302 2.37 2.62 6.12
C TYR A 302 2.35 3.50 7.37
N VAL A 303 2.81 2.95 8.49
CA VAL A 303 2.90 3.69 9.75
C VAL A 303 4.24 3.35 10.40
N LYS A 304 4.68 4.24 11.29
CA LYS A 304 5.87 4.06 12.11
C LYS A 304 5.51 3.44 13.44
N HIS A 305 4.84 2.30 13.41
CA HIS A 305 4.59 1.54 14.61
C HIS A 305 4.89 0.10 14.26
N SER A 306 5.61 -0.60 15.14
CA SER A 306 5.85 -2.01 14.85
C SER A 306 4.66 -2.89 15.24
N THR A 307 3.79 -2.42 16.13
CA THR A 307 2.65 -3.23 16.57
C THR A 307 1.57 -2.32 17.11
N LEU A 308 0.32 -2.62 16.77
CA LEU A 308 -0.84 -1.93 17.32
C LEU A 308 -1.90 -3.00 17.55
N LYS A 309 -2.10 -3.40 18.80
CA LYS A 309 -3.03 -4.51 19.09
C LYS A 309 -4.41 -3.98 19.43
N LEU A 310 -5.41 -4.45 18.69
CA LEU A 310 -6.80 -4.07 18.92
C LEU A 310 -7.44 -5.13 19.82
N ALA A 311 -7.92 -4.72 21.00
CA ALA A 311 -8.63 -5.65 21.87
C ALA A 311 -9.87 -6.19 21.19
N THR A 312 -10.06 -7.50 21.29
CA THR A 312 -11.25 -8.18 20.76
C THR A 312 -11.94 -8.95 21.87
N GLY A 313 -11.72 -8.52 23.11
CA GLY A 313 -12.32 -9.20 24.24
C GLY A 313 -12.25 -8.29 25.44
N MET A 314 -12.92 -8.71 26.52
CA MET A 314 -12.98 -7.94 27.75
C MET A 314 -11.65 -7.98 28.50
N ARG A 315 -11.57 -7.12 29.52
CA ARG A 315 -10.44 -7.20 30.43
C ARG A 315 -10.31 -8.61 31.01
N ASN A 316 -9.08 -9.12 31.05
CA ASN A 316 -8.82 -10.46 31.58
C ASN A 316 -8.48 -10.36 33.07
N VAL A 317 -9.28 -10.98 33.92
CA VAL A 317 -9.09 -10.84 35.36
C VAL A 317 -8.97 -12.24 35.96
N PRO A 318 -7.79 -12.82 35.99
CA PRO A 318 -7.65 -14.17 36.56
C PRO A 318 -7.82 -14.16 38.08
N GLU A 319 -8.10 -15.35 38.60
CA GLU A 319 -8.10 -15.58 40.03
C GLU A 319 -6.68 -15.51 40.60
N GLY B 1 -13.18 -0.59 34.54
CA GLY B 1 -14.09 -0.14 33.51
C GLY B 1 -15.05 0.87 34.13
N ILE B 2 -15.78 1.57 33.27
CA ILE B 2 -16.56 2.72 33.72
C ILE B 2 -17.81 2.30 34.49
N PHE B 3 -18.27 1.05 34.37
CA PHE B 3 -19.39 0.59 35.21
C PHE B 3 -18.96 -0.05 36.51
N GLY B 4 -17.71 -0.47 36.62
CA GLY B 4 -17.26 -0.97 37.91
C GLY B 4 -17.64 -2.41 38.18
N ALA B 5 -18.03 -3.18 37.16
CA ALA B 5 -18.36 -4.61 37.34
C ALA B 5 -17.13 -5.49 37.10
N ILE B 6 -16.69 -5.57 35.84
CA ILE B 6 -15.48 -6.33 35.50
C ILE B 6 -14.26 -5.66 36.11
N ALA B 7 -13.44 -6.44 36.81
CA ALA B 7 -12.31 -5.91 37.60
C ALA B 7 -12.81 -4.91 38.64
N GLY B 8 -14.03 -5.11 39.11
CA GLY B 8 -14.69 -4.19 40.02
C GLY B 8 -15.41 -4.97 41.09
N PHE B 9 -16.74 -4.86 41.17
CA PHE B 9 -17.44 -5.62 42.20
C PHE B 9 -17.53 -7.11 41.87
N ILE B 10 -17.30 -7.50 40.61
CA ILE B 10 -17.02 -8.91 40.31
C ILE B 10 -15.53 -9.12 40.58
N GLU B 11 -15.19 -9.98 41.54
CA GLU B 11 -13.80 -10.08 41.98
C GLU B 11 -12.86 -10.56 40.86
N ASN B 12 -13.28 -11.57 40.10
CA ASN B 12 -12.44 -12.03 39.00
C ASN B 12 -13.30 -12.77 37.99
N GLY B 13 -12.70 -13.05 36.82
CA GLY B 13 -13.35 -13.83 35.81
C GLY B 13 -13.20 -15.33 36.03
N TRP B 14 -13.93 -16.11 35.24
CA TRP B 14 -14.03 -17.56 35.40
C TRP B 14 -13.33 -18.23 34.24
N GLU B 15 -12.14 -18.79 34.49
CA GLU B 15 -11.47 -19.55 33.44
C GLU B 15 -12.26 -20.78 33.04
N GLY B 16 -13.06 -21.32 33.97
CA GLY B 16 -13.88 -22.48 33.70
C GLY B 16 -15.12 -22.21 32.87
N MET B 17 -15.45 -20.95 32.58
CA MET B 17 -16.56 -20.67 31.67
C MET B 17 -16.02 -20.62 30.26
N VAL B 18 -16.23 -21.69 29.49
CA VAL B 18 -15.66 -21.76 28.14
C VAL B 18 -16.70 -21.67 27.04
N ASP B 19 -18.00 -21.65 27.36
CA ASP B 19 -19.01 -21.60 26.30
C ASP B 19 -19.73 -20.27 26.26
N GLY B 20 -19.19 -19.26 26.91
CA GLY B 20 -19.76 -17.93 26.79
C GLY B 20 -18.88 -16.93 27.48
N TRP B 21 -19.22 -15.66 27.31
CA TRP B 21 -18.46 -14.58 27.91
C TRP B 21 -18.99 -14.13 29.25
N TYR B 22 -20.29 -14.31 29.49
CA TYR B 22 -20.98 -13.93 30.70
C TYR B 22 -21.88 -15.08 31.09
N GLY B 23 -22.20 -15.19 32.37
CA GLY B 23 -23.02 -16.31 32.78
C GLY B 23 -23.30 -16.30 34.26
N PHE B 24 -23.85 -17.42 34.72
CA PHE B 24 -24.42 -17.63 36.05
C PHE B 24 -23.77 -18.82 36.71
N ARG B 25 -23.43 -18.68 37.99
CA ARG B 25 -23.07 -19.83 38.82
C ARG B 25 -24.05 -19.86 39.97
N HIS B 26 -24.54 -21.04 40.33
CA HIS B 26 -25.51 -21.11 41.40
C HIS B 26 -25.13 -22.18 42.41
N GLN B 27 -25.69 -22.03 43.59
CA GLN B 27 -25.65 -23.07 44.60
C GLN B 27 -27.05 -23.20 45.18
N ASN B 28 -27.60 -24.41 45.19
CA ASN B 28 -28.96 -24.61 45.72
C ASN B 28 -29.01 -25.98 46.37
N SER B 29 -30.24 -26.43 46.69
CA SER B 29 -30.46 -27.71 47.35
C SER B 29 -30.01 -28.90 46.51
N GLU B 30 -29.87 -28.74 45.19
CA GLU B 30 -29.51 -29.84 44.30
C GLU B 30 -28.03 -29.84 43.91
N GLY B 31 -27.24 -28.84 44.31
CA GLY B 31 -25.84 -28.82 43.93
C GLY B 31 -25.35 -27.46 43.49
N ARG B 32 -24.33 -27.44 42.64
CA ARG B 32 -23.83 -26.16 42.16
C ARG B 32 -23.43 -26.28 40.70
N GLY B 33 -23.65 -25.20 39.96
CA GLY B 33 -23.52 -25.32 38.52
C GLY B 33 -23.26 -23.98 37.88
N GLN B 34 -23.09 -24.03 36.57
CA GLN B 34 -22.65 -22.92 35.75
C GLN B 34 -23.45 -22.95 34.46
N ALA B 35 -23.80 -21.77 33.94
CA ALA B 35 -24.42 -21.71 32.61
C ALA B 35 -24.07 -20.37 31.98
N ALA B 36 -23.71 -20.41 30.69
CA ALA B 36 -23.42 -19.19 29.95
C ALA B 36 -24.73 -18.47 29.58
N ASP B 37 -24.68 -17.13 29.57
CA ASP B 37 -25.80 -16.33 29.07
C ASP B 37 -25.53 -15.96 27.61
N LEU B 38 -26.36 -16.47 26.71
CA LEU B 38 -26.07 -16.34 25.28
C LEU B 38 -26.32 -14.92 24.79
N LYS B 39 -27.37 -14.25 25.29
CA LYS B 39 -27.72 -12.95 24.73
C LYS B 39 -26.68 -11.88 25.05
N SER B 40 -26.18 -11.83 26.29
CA SER B 40 -25.18 -10.83 26.63
C SER B 40 -23.85 -11.13 25.93
N THR B 41 -23.47 -12.40 25.86
CA THR B 41 -22.27 -12.78 25.10
C THR B 41 -22.38 -12.31 23.67
N GLN B 42 -23.52 -12.57 23.04
CA GLN B 42 -23.67 -12.19 21.64
C GLN B 42 -23.67 -10.66 21.46
N ALA B 43 -24.24 -9.92 22.42
CA ALA B 43 -24.26 -8.47 22.32
C ALA B 43 -22.85 -7.91 22.32
N ALA B 44 -21.99 -8.43 23.18
CA ALA B 44 -20.60 -7.96 23.23
C ALA B 44 -19.85 -8.35 21.96
N ILE B 45 -19.97 -9.61 21.53
CA ILE B 45 -19.31 -10.09 20.32
C ILE B 45 -19.78 -9.30 19.11
N ASP B 46 -21.08 -9.04 19.00
CA ASP B 46 -21.57 -8.31 17.83
C ASP B 46 -20.96 -6.91 17.74
N GLN B 47 -20.81 -6.22 18.87
CA GLN B 47 -20.25 -4.87 18.85
C GLN B 47 -18.78 -4.90 18.46
N ILE B 48 -18.03 -5.87 18.98
CA ILE B 48 -16.62 -5.98 18.61
C ILE B 48 -16.50 -6.36 17.14
N ASN B 49 -17.40 -7.22 16.64
CA ASN B 49 -17.35 -7.54 15.22
C ASN B 49 -17.69 -6.33 14.36
N GLY B 50 -18.52 -5.42 14.88
CA GLY B 50 -18.76 -4.16 14.16
C GLY B 50 -17.49 -3.36 14.01
N LYS B 51 -16.67 -3.28 15.06
CA LYS B 51 -15.38 -2.59 14.97
C LYS B 51 -14.48 -3.27 13.95
N LEU B 52 -14.40 -4.60 14.01
CA LEU B 52 -13.54 -5.33 13.08
C LEU B 52 -14.01 -5.18 11.64
N ASN B 53 -15.33 -5.10 11.42
CA ASN B 53 -15.82 -4.87 10.05
C ASN B 53 -15.35 -3.53 9.52
N ARG B 54 -15.15 -2.56 10.39
CA ARG B 54 -14.66 -1.25 9.97
C ARG B 54 -13.18 -1.26 9.63
N LEU B 55 -12.41 -2.19 10.19
CA LEU B 55 -10.95 -2.11 10.22
C LEU B 55 -10.26 -3.17 9.38
N ILE B 56 -10.87 -4.34 9.17
CA ILE B 56 -10.22 -5.46 8.53
C ILE B 56 -10.73 -5.58 7.10
N GLY B 57 -9.80 -5.72 6.15
CA GLY B 57 -10.19 -5.94 4.77
C GLY B 57 -10.73 -4.72 4.07
N LYS B 58 -10.30 -3.52 4.44
CA LYS B 58 -10.89 -2.30 3.92
C LYS B 58 -9.87 -1.35 3.30
N THR B 59 -8.76 -1.88 2.79
CA THR B 59 -7.68 -1.03 2.27
C THR B 59 -8.05 -0.34 0.96
N ASN B 60 -7.38 0.80 0.72
CA ASN B 60 -7.51 1.66 -0.46
C ASN B 60 -6.45 1.34 -1.51
N GLU B 61 -6.84 1.34 -2.79
CA GLU B 61 -5.91 1.12 -3.88
C GLU B 61 -5.21 2.41 -4.27
N LYS B 62 -3.89 2.38 -4.36
CA LYS B 62 -3.08 3.46 -4.91
C LYS B 62 -2.15 2.91 -5.97
N PHE B 63 -1.91 3.70 -7.01
CA PHE B 63 -1.09 3.19 -8.09
C PHE B 63 0.18 4.03 -8.25
N HIS B 64 0.30 4.78 -9.34
CA HIS B 64 1.51 5.60 -9.50
C HIS B 64 1.48 6.77 -8.52
N GLN B 65 2.60 7.00 -7.84
CA GLN B 65 2.64 8.00 -6.77
C GLN B 65 3.86 8.89 -6.98
N ILE B 66 4.55 9.29 -5.92
CA ILE B 66 5.82 10.02 -6.02
C ILE B 66 6.94 9.05 -5.62
N GLU B 67 8.17 9.38 -6.03
CA GLU B 67 9.32 8.61 -5.54
C GLU B 67 9.59 8.95 -4.08
N LYS B 68 10.16 7.98 -3.37
CA LYS B 68 10.30 8.05 -1.92
C LYS B 68 11.68 7.66 -1.45
N GLU B 69 12.55 7.26 -2.38
CA GLU B 69 13.96 6.98 -2.13
C GLU B 69 14.72 7.62 -3.26
N PHE B 70 15.94 8.11 -2.98
CA PHE B 70 16.69 8.91 -3.95
C PHE B 70 18.17 8.55 -3.92
N SER B 71 18.77 8.37 -5.09
CA SER B 71 20.17 7.94 -5.14
C SER B 71 21.15 9.12 -5.17
N GLU B 72 20.67 10.33 -5.46
CA GLU B 72 21.53 11.50 -5.62
C GLU B 72 20.96 12.70 -4.86
N VAL B 73 21.86 13.53 -4.34
CA VAL B 73 21.49 14.82 -3.75
C VAL B 73 20.93 15.73 -4.83
N GLU B 74 19.80 16.39 -4.52
CA GLU B 74 19.15 17.29 -5.49
C GLU B 74 18.69 18.62 -4.92
N GLY B 75 18.45 18.74 -3.63
CA GLY B 75 18.02 20.01 -3.05
C GLY B 75 16.52 20.15 -3.05
N ARG B 76 16.04 21.29 -3.57
CA ARG B 76 14.72 21.83 -3.21
C ARG B 76 13.57 20.86 -3.50
N ILE B 77 13.51 20.32 -4.72
CA ILE B 77 12.36 19.47 -5.08
C ILE B 77 12.39 18.18 -4.28
N GLN B 78 13.57 17.58 -4.12
CA GLN B 78 13.67 16.39 -3.31
C GLN B 78 13.35 16.67 -1.85
N ASP B 79 13.80 17.81 -1.29
CA ASP B 79 13.40 18.15 0.08
C ASP B 79 11.89 18.12 0.24
N LEU B 80 11.18 18.67 -0.76
CA LEU B 80 9.72 18.76 -0.71
C LEU B 80 9.08 17.39 -0.84
N GLU B 81 9.57 16.55 -1.77
CA GLU B 81 9.03 15.19 -1.88
C GLU B 81 9.20 14.42 -0.57
N LYS B 82 10.35 14.59 0.08
CA LYS B 82 10.58 13.88 1.34
C LYS B 82 9.70 14.42 2.45
N TYR B 83 9.52 15.73 2.49
CA TYR B 83 8.71 16.35 3.53
C TYR B 83 7.25 15.98 3.37
N VAL B 84 6.76 15.93 2.14
CA VAL B 84 5.38 15.51 1.88
C VAL B 84 5.15 14.10 2.42
N GLU B 85 6.07 13.18 2.08
CA GLU B 85 5.92 11.80 2.56
C GLU B 85 6.05 11.69 4.07
N ASP B 86 7.05 12.35 4.67
CA ASP B 86 7.20 12.28 6.13
C ASP B 86 5.97 12.83 6.85
N THR B 87 5.43 13.93 6.31
CA THR B 87 4.21 14.53 6.85
C THR B 87 3.05 13.55 6.82
N LYS B 88 2.85 12.91 5.66
CA LYS B 88 1.78 11.94 5.50
C LYS B 88 1.94 10.79 6.49
N ILE B 89 3.15 10.23 6.57
CA ILE B 89 3.35 9.06 7.44
C ILE B 89 3.08 9.41 8.90
N ASP B 90 3.55 10.57 9.34
CA ASP B 90 3.33 10.97 10.73
C ASP B 90 1.85 11.15 11.05
N LEU B 91 1.09 11.72 10.11
CA LEU B 91 -0.34 11.87 10.33
C LEU B 91 -1.07 10.53 10.36
N TRP B 92 -0.72 9.59 9.45
CA TRP B 92 -1.37 8.28 9.52
C TRP B 92 -0.93 7.49 10.75
N SER B 93 0.33 7.63 11.15
CA SER B 93 0.79 6.95 12.36
C SER B 93 0.05 7.45 13.58
N TYR B 94 -0.20 8.77 13.65
CA TYR B 94 -1.00 9.32 14.72
C TYR B 94 -2.43 8.77 14.68
N ASN B 95 -3.05 8.75 13.49
CA ASN B 95 -4.40 8.21 13.37
C ASN B 95 -4.45 6.77 13.86
N ALA B 96 -3.48 5.95 13.46
CA ALA B 96 -3.52 4.53 13.79
C ALA B 96 -3.40 4.32 15.30
N GLU B 97 -2.46 5.02 15.94
CA GLU B 97 -2.25 4.82 17.38
C GLU B 97 -3.43 5.34 18.19
N LEU B 98 -3.99 6.50 17.79
CA LEU B 98 -5.15 7.03 18.51
C LEU B 98 -6.37 6.13 18.34
N LEU B 99 -6.59 5.66 17.11
CA LEU B 99 -7.72 4.77 16.84
C LEU B 99 -7.69 3.56 17.76
N VAL B 100 -6.53 2.91 17.85
CA VAL B 100 -6.47 1.69 18.65
C VAL B 100 -6.64 2.00 20.13
N ALA B 101 -6.05 3.10 20.63
CA ALA B 101 -6.22 3.43 22.05
C ALA B 101 -7.69 3.75 22.37
N LEU B 102 -8.35 4.52 21.51
CA LEU B 102 -9.76 4.88 21.71
C LEU B 102 -10.65 3.65 21.64
N GLU B 103 -10.45 2.83 20.61
CA GLU B 103 -11.27 1.65 20.45
C GLU B 103 -11.09 0.70 21.61
N ASN B 104 -9.84 0.54 22.07
CA ASN B 104 -9.61 -0.39 23.18
C ASN B 104 -10.26 0.10 24.46
N GLN B 105 -10.17 1.40 24.74
CA GLN B 105 -10.86 1.94 25.90
C GLN B 105 -12.35 1.64 25.82
N HIS B 106 -12.92 1.84 24.63
CA HIS B 106 -14.34 1.62 24.43
C HIS B 106 -14.71 0.13 24.52
N THR B 107 -13.86 -0.74 24.01
CA THR B 107 -14.13 -2.18 24.10
C THR B 107 -14.14 -2.64 25.54
N ILE B 108 -13.21 -2.13 26.36
CA ILE B 108 -13.23 -2.51 27.77
C ILE B 108 -14.48 -1.97 28.45
N ASP B 109 -14.89 -0.73 28.12
CA ASP B 109 -16.12 -0.20 28.70
C ASP B 109 -17.39 -0.92 28.21
N LEU B 110 -17.47 -1.28 26.92
CA LEU B 110 -18.72 -1.91 26.47
C LEU B 110 -18.84 -3.33 27.02
N THR B 111 -17.72 -4.04 27.20
CA THR B 111 -17.82 -5.37 27.81
C THR B 111 -18.16 -5.28 29.30
N ASP B 112 -17.63 -4.26 30.01
CA ASP B 112 -18.07 -3.99 31.38
C ASP B 112 -19.56 -3.65 31.43
N SER B 113 -20.01 -2.84 30.48
CA SER B 113 -21.43 -2.50 30.36
C SER B 113 -22.31 -3.74 30.23
N GLU B 114 -21.93 -4.69 29.37
CA GLU B 114 -22.79 -5.85 29.18
C GLU B 114 -22.87 -6.69 30.45
N MET B 115 -21.75 -6.78 31.19
CA MET B 115 -21.79 -7.47 32.48
C MET B 115 -22.75 -6.76 33.44
N ASN B 116 -22.66 -5.44 33.51
CA ASN B 116 -23.55 -4.68 34.39
C ASN B 116 -25.03 -4.84 33.99
N LYS B 117 -25.31 -4.82 32.70
CA LYS B 117 -26.70 -4.93 32.24
C LYS B 117 -27.30 -6.27 32.63
N LEU B 118 -26.52 -7.34 32.50
CA LEU B 118 -27.03 -8.66 32.90
C LEU B 118 -27.28 -8.72 34.41
N PHE B 119 -26.36 -8.15 35.19
CA PHE B 119 -26.55 -8.09 36.64
C PHE B 119 -27.83 -7.34 37.00
N GLU B 120 -28.01 -6.14 36.44
CA GLU B 120 -29.20 -5.32 36.73
C GLU B 120 -30.49 -6.04 36.34
N LYS B 121 -30.51 -6.65 35.16
CA LYS B 121 -31.69 -7.39 34.72
C LYS B 121 -32.05 -8.50 35.70
N THR B 122 -31.06 -9.27 36.13
CA THR B 122 -31.31 -10.34 37.09
C THR B 122 -31.80 -9.79 38.41
N LYS B 123 -31.18 -8.70 38.86
CA LYS B 123 -31.57 -8.10 40.12
C LYS B 123 -33.05 -7.70 40.08
N LYS B 124 -33.47 -7.10 38.96
CA LYS B 124 -34.86 -6.66 38.87
C LYS B 124 -35.82 -7.84 38.81
N GLN B 125 -35.44 -8.94 38.14
CA GLN B 125 -36.29 -10.13 38.10
C GLN B 125 -36.62 -10.64 39.50
N LEU B 126 -35.63 -10.62 40.40
CA LEU B 126 -35.81 -11.24 41.71
C LEU B 126 -36.70 -10.42 42.64
N ARG B 127 -36.96 -9.15 42.33
CA ARG B 127 -37.82 -8.30 43.14
C ARG B 127 -37.45 -8.37 44.63
N GLU B 128 -38.39 -8.73 45.49
CA GLU B 128 -38.14 -8.78 46.93
C GLU B 128 -37.65 -10.15 47.41
N ASN B 129 -37.30 -11.05 46.50
CA ASN B 129 -37.00 -12.43 46.90
C ASN B 129 -35.52 -12.69 47.12
N ALA B 130 -34.67 -11.69 46.89
CA ALA B 130 -33.23 -11.88 46.96
C ALA B 130 -32.58 -10.57 47.37
N GLU B 131 -31.33 -10.66 47.83
CA GLU B 131 -30.56 -9.48 48.18
C GLU B 131 -29.19 -9.55 47.53
N ASP B 132 -28.69 -8.39 47.11
CA ASP B 132 -27.41 -8.27 46.42
C ASP B 132 -26.29 -8.36 47.45
N MET B 133 -25.44 -9.38 47.35
CA MET B 133 -24.41 -9.48 48.37
C MET B 133 -23.24 -8.55 48.13
N GLY B 134 -23.22 -7.80 47.02
CA GLY B 134 -22.18 -6.81 46.77
C GLY B 134 -21.04 -7.28 45.89
N ASN B 135 -20.99 -8.58 45.55
CA ASN B 135 -19.89 -9.16 44.80
C ASN B 135 -20.40 -9.83 43.53
N GLY B 136 -21.52 -9.38 43.00
CA GLY B 136 -22.13 -10.03 41.86
C GLY B 136 -23.02 -11.20 42.19
N CYS B 137 -23.17 -11.56 43.47
CA CYS B 137 -24.01 -12.69 43.88
C CYS B 137 -25.27 -12.20 44.56
N PHE B 138 -26.36 -12.94 44.34
CA PHE B 138 -27.63 -12.73 44.99
C PHE B 138 -27.86 -13.84 46.01
N LYS B 139 -28.21 -13.46 47.23
CA LYS B 139 -28.72 -14.42 48.20
C LYS B 139 -30.22 -14.55 47.96
N ILE B 140 -30.67 -15.72 47.56
CA ILE B 140 -32.08 -15.96 47.26
C ILE B 140 -32.73 -16.58 48.48
N TYR B 141 -33.78 -15.95 49.00
CA TYR B 141 -34.35 -16.31 50.32
C TYR B 141 -35.48 -17.35 50.24
N HIS B 142 -35.45 -18.25 49.27
CA HIS B 142 -36.45 -19.30 49.17
C HIS B 142 -35.78 -20.51 48.54
N LYS B 143 -36.38 -21.68 48.76
CA LYS B 143 -35.91 -22.87 48.07
C LYS B 143 -35.99 -22.65 46.56
N CYS B 144 -34.89 -22.88 45.86
CA CYS B 144 -34.84 -22.53 44.44
C CYS B 144 -34.07 -23.66 43.75
N ASP B 145 -34.80 -24.67 43.30
CA ASP B 145 -34.22 -25.86 42.69
C ASP B 145 -33.71 -25.55 41.28
N ASN B 146 -33.25 -26.58 40.56
CA ASN B 146 -32.64 -26.35 39.25
C ASN B 146 -33.61 -25.70 38.27
N ALA B 147 -34.86 -26.16 38.25
CA ALA B 147 -35.85 -25.55 37.35
C ALA B 147 -36.06 -24.09 37.71
N CYS B 148 -36.03 -23.78 39.02
CA CYS B 148 -36.17 -22.39 39.49
C CYS B 148 -35.01 -21.53 39.01
N ILE B 149 -33.81 -22.01 39.20
CA ILE B 149 -32.64 -21.28 38.68
C ILE B 149 -32.76 -21.09 37.18
N GLY B 150 -33.14 -22.16 36.48
CA GLY B 150 -33.31 -22.08 35.03
C GLY B 150 -34.36 -21.06 34.62
N SER B 151 -35.42 -20.90 35.43
CA SER B 151 -36.44 -19.90 35.10
C SER B 151 -35.90 -18.48 35.24
N ILE B 152 -34.97 -18.26 36.18
CA ILE B 152 -34.30 -16.97 36.28
C ILE B 152 -33.41 -16.74 35.06
N ARG B 153 -32.57 -17.73 34.72
CA ARG B 153 -31.68 -17.56 33.57
C ARG B 153 -32.47 -17.33 32.28
N ASN B 154 -33.65 -17.92 32.17
CA ASN B 154 -34.48 -17.81 30.97
C ASN B 154 -35.40 -16.62 30.97
N GLY B 155 -35.46 -15.87 32.07
CA GLY B 155 -36.36 -14.74 32.14
C GLY B 155 -37.82 -15.09 32.35
N THR B 156 -38.14 -16.28 32.85
CA THR B 156 -39.53 -16.64 33.12
C THR B 156 -39.83 -16.79 34.62
N TYR B 157 -38.89 -16.48 35.49
CA TYR B 157 -39.13 -16.56 36.93
C TYR B 157 -40.32 -15.68 37.33
N ASP B 158 -41.25 -16.27 38.09
CA ASP B 158 -42.45 -15.58 38.57
C ASP B 158 -42.22 -15.30 40.06
N HIS B 159 -41.83 -14.06 40.36
CA HIS B 159 -41.47 -13.73 41.73
C HIS B 159 -42.64 -13.90 42.69
N ASN B 160 -43.88 -13.81 42.21
CA ASN B 160 -45.02 -13.91 43.12
C ASN B 160 -45.18 -15.31 43.70
N VAL B 161 -44.70 -16.34 42.99
CA VAL B 161 -44.79 -17.71 43.48
C VAL B 161 -44.04 -17.86 44.80
N TYR B 162 -42.91 -17.17 44.94
CA TYR B 162 -42.01 -17.36 46.09
C TYR B 162 -42.00 -16.20 47.09
N ARG B 163 -42.73 -15.13 46.80
CA ARG B 163 -42.61 -13.90 47.60
C ARG B 163 -42.94 -14.12 49.08
N ASP B 164 -44.07 -14.80 49.38
CA ASP B 164 -44.42 -15.04 50.79
C ASP B 164 -43.30 -15.79 51.50
N GLU B 165 -42.82 -16.87 50.90
CA GLU B 165 -41.70 -17.62 51.49
C GLU B 165 -40.48 -16.73 51.69
N ALA B 166 -40.14 -15.94 50.66
CA ALA B 166 -38.91 -15.16 50.74
C ALA B 166 -39.03 -14.03 51.75
N LEU B 167 -40.18 -13.34 51.79
CA LEU B 167 -40.30 -12.26 52.77
C LEU B 167 -40.21 -12.78 54.19
N ASN B 168 -40.83 -13.93 54.47
CA ASN B 168 -40.72 -14.55 55.79
C ASN B 168 -39.26 -14.79 56.16
N ASN B 169 -38.47 -15.32 55.23
CA ASN B 169 -37.06 -15.60 55.55
C ASN B 169 -36.24 -14.32 55.66
N ARG B 170 -36.49 -13.34 54.79
CA ARG B 170 -35.70 -12.11 54.79
C ARG B 170 -35.89 -11.32 56.06
N PHE B 171 -37.14 -11.15 56.49
CA PHE B 171 -37.44 -10.15 57.50
C PHE B 171 -37.67 -10.79 58.86
N GLN B 172 -37.07 -11.98 59.01
CA GLN B 172 -36.94 -12.72 60.25
C GLN B 172 -36.40 -11.86 61.38
N ILE B 173 -36.80 -12.21 62.60
CA ILE B 173 -36.51 -11.48 63.84
C ILE B 173 -36.78 -9.99 63.67
#